data_4FO6
#
_entry.id   4FO6
#
_cell.length_a   55.780
_cell.length_b   63.655
_cell.length_c   141.470
_cell.angle_alpha   90.00
_cell.angle_beta   90.00
_cell.angle_gamma   90.00
#
_symmetry.space_group_name_H-M   'P 21 21 21'
#
loop_
_entity.id
_entity.type
_entity.pdbx_description
1 polymer 'DNA polymerase lambda'
2 polymer "5'-D(*CP*GP*GP*CP*TP*GP*TP*AP*CP*TP*G)-3'"
3 polymer "5'-D(*CP*AP*GP*TP*AP)-R(P*C)-3'"
4 polymer "5'-D(P*GP*CP*CP*G)-3'"
5 polymer "5'-D(P*TP*AP*CP*TP*G)-3'"
6 polymer "5'-D(P*CP*AP*GP*TP*A)-3'"
7 non-polymer 'MAGNESIUM ION'
8 non-polymer 'SODIUM ION'
9 non-polymer 'CHLORIDE ION'
10 non-polymer 'MANGANESE (II) ION'
11 non-polymer "2'-deoxy-5'-O-[(S)-hydroxy{[(S)-hydroxy(phosphonooxy)phosphoryl]methyl}phosphoryl]adenosine"
12 water water
#
loop_
_entity_poly.entity_id
_entity_poly.type
_entity_poly.pdbx_seq_one_letter_code
_entity_poly.pdbx_strand_id
1 'polypeptide(L)'
;AQPSSQKATNHNLHITEKLEVLAKAYSVQGDKWRALGYAKAINALKSFHKPVTSYQEACSIPGIGKRMAEKIIEILESGH
LRKLDHISESVPVLELFSNIWGAGTKTAQMWYQQGFRSLEDIRSQASLTTQQAIGLKHYSDFLERMPREEATEIEQTVQK
AAQAFNSGLLCVACGSYRRGKATCGDVDVLITHPDGRSHRGIFSRLLDSLRQEGFLTDDLVKGETKYLGVCRLPGPGRRH
RRLDIIVVPYSEFACALLYFTGSAHFNRSMRALAKTKGMSLSEHALSTAVVRNTHGAKVGPGRVLPTPTEKDVFRLLGLP
YREPAERDW
;
A
2 'polydeoxyribonucleotide' (DC)(DG)(DG)(DC)(DT)(DG)(DT)(DA)(DC)(DT)(DG) T
3 'polydeoxyribonucleotide/polyribonucleotide hybrid' (DC)(DA)(DG)(DT)(DA)C P
4 'polydeoxyribonucleotide' (DG)(DC)(DC)(DG) D
5 'polydeoxyribonucleotide' (DT)(DA)(DC)(DT)(DG) H
6 'polydeoxyribonucleotide' (DC)(DA)(DG)(DT)(DA) I
#
# COMPACT_ATOMS: atom_id res chain seq x y z
N HIS A 11 -0.70 20.04 -11.14
CA HIS A 11 -0.02 20.11 -9.86
C HIS A 11 0.05 21.57 -9.40
N ASN A 12 -1.08 22.26 -9.46
CA ASN A 12 -1.05 23.71 -9.37
C ASN A 12 -1.40 24.29 -8.00
N LEU A 13 -1.31 23.47 -6.96
CA LEU A 13 -1.79 23.89 -5.64
C LEU A 13 -0.92 23.44 -4.45
N HIS A 14 0.07 24.26 -4.09
CA HIS A 14 0.84 24.04 -2.86
C HIS A 14 0.20 24.64 -1.61
N ILE A 15 -1.11 24.45 -1.51
CA ILE A 15 -1.85 24.50 -0.27
C ILE A 15 -1.76 23.09 0.32
N THR A 16 -1.53 22.11 -0.56
CA THR A 16 -1.47 20.70 -0.20
C THR A 16 -0.31 20.36 0.72
N GLU A 17 0.80 21.08 0.57
CA GLU A 17 1.99 20.84 1.40
C GLU A 17 1.67 21.07 2.88
N LYS A 18 0.84 22.07 3.18
CA LYS A 18 0.47 22.31 4.58
C LYS A 18 -0.54 21.27 5.01
N LEU A 19 -1.47 20.95 4.12
CA LEU A 19 -2.49 19.98 4.46
C LEU A 19 -1.90 18.58 4.68
N GLU A 20 -0.85 18.26 3.94
CA GLU A 20 -0.23 16.95 4.08
C GLU A 20 0.39 16.82 5.46
N VAL A 21 0.87 17.93 6.01
CA VAL A 21 1.39 17.94 7.37
C VAL A 21 0.31 17.50 8.35
N LEU A 22 -0.89 18.07 8.21
CA LEU A 22 -2.00 17.72 9.10
C LEU A 22 -2.44 16.28 8.93
N ALA A 23 -2.51 15.82 7.69
CA ALA A 23 -2.93 14.45 7.41
C ALA A 23 -2.04 13.40 8.12
N LYS A 24 -0.73 13.55 7.97
CA LYS A 24 0.18 12.62 8.63
C LYS A 24 0.06 12.72 10.15
N ALA A 25 -0.13 13.94 10.66
CA ALA A 25 -0.29 14.14 12.10
C ALA A 25 -1.53 13.40 12.60
N TYR A 26 -2.65 13.63 11.96
CA TYR A 26 -3.86 12.88 12.29
C TYR A 26 -3.64 11.37 12.17
N SER A 27 -3.02 10.94 11.08
CA SER A 27 -2.81 9.51 10.86
C SER A 27 -2.01 8.85 11.98
N VAL A 28 -0.82 9.38 12.28
CA VAL A 28 0.04 8.77 13.30
CA VAL A 28 0.03 8.75 13.30
C VAL A 28 -0.57 8.83 14.70
N GLN A 29 -1.46 9.79 14.92
CA GLN A 29 -2.11 9.90 16.23
C GLN A 29 -3.33 9.00 16.29
N GLY A 30 -3.55 8.26 15.21
CA GLY A 30 -4.63 7.30 15.19
C GLY A 30 -6.00 7.80 14.72
N ASP A 31 -6.14 9.04 14.25
CA ASP A 31 -7.49 9.40 13.77
C ASP A 31 -7.47 9.11 12.29
N LYS A 32 -8.02 7.96 11.97
CA LYS A 32 -7.82 7.35 10.67
C LYS A 32 -8.76 7.96 9.63
N TRP A 33 -10.00 8.21 10.02
CA TRP A 33 -11.00 8.70 9.09
C TRP A 33 -10.85 10.21 8.81
N ARG A 34 -10.47 10.98 9.82
CA ARG A 34 -10.16 12.38 9.57
C ARG A 34 -8.94 12.44 8.65
N ALA A 35 -7.97 11.54 8.87
CA ALA A 35 -6.80 11.50 8.00
C ALA A 35 -7.21 11.10 6.57
N LEU A 36 -8.18 10.20 6.46
CA LEU A 36 -8.70 9.80 5.15
C LEU A 36 -9.33 10.99 4.43
N GLY A 37 -10.13 11.75 5.17
CA GLY A 37 -10.73 12.97 4.65
C GLY A 37 -9.69 13.92 4.08
N TYR A 38 -8.63 14.18 4.84
CA TYR A 38 -7.55 15.01 4.31
C TYR A 38 -6.88 14.36 3.10
N ALA A 39 -6.67 13.05 3.15
CA ALA A 39 -6.06 12.38 2.00
C ALA A 39 -6.82 12.70 0.72
N LYS A 40 -8.14 12.52 0.76
CA LYS A 40 -8.98 12.72 -0.41
C LYS A 40 -8.94 14.18 -0.85
N ALA A 41 -9.04 15.08 0.12
CA ALA A 41 -9.00 16.52 -0.18
C ALA A 41 -7.68 16.87 -0.86
N ILE A 42 -6.59 16.27 -0.40
CA ILE A 42 -5.28 16.57 -0.95
C ILE A 42 -5.15 16.10 -2.40
N ASN A 43 -5.63 14.90 -2.69
CA ASN A 43 -5.63 14.37 -4.06
C ASN A 43 -6.48 15.23 -5.00
N ALA A 44 -7.65 15.64 -4.52
CA ALA A 44 -8.54 16.48 -5.29
C ALA A 44 -7.82 17.76 -5.74
N LEU A 45 -7.12 18.40 -4.80
CA LEU A 45 -6.42 19.64 -5.07
C LEU A 45 -5.21 19.40 -5.97
N LYS A 46 -4.59 18.23 -5.83
CA LYS A 46 -3.42 17.90 -6.63
C LYS A 46 -3.75 17.78 -8.11
N SER A 47 -4.92 17.22 -8.42
CA SER A 47 -5.32 16.96 -9.80
C SER A 47 -6.21 18.06 -10.40
N PHE A 48 -6.47 19.10 -9.62
CA PHE A 48 -7.27 20.24 -10.09
C PHE A 48 -6.46 21.04 -11.10
N HIS A 49 -7.08 21.36 -12.23
CA HIS A 49 -6.33 21.95 -13.35
C HIS A 49 -5.62 23.25 -13.01
N LYS A 50 -6.27 24.09 -12.21
CA LYS A 50 -5.73 25.42 -11.89
C LYS A 50 -5.65 25.67 -10.38
N PRO A 51 -4.78 26.61 -9.99
CA PRO A 51 -4.77 27.11 -8.61
C PRO A 51 -6.15 27.58 -8.17
N VAL A 52 -6.52 27.30 -6.93
CA VAL A 52 -7.84 27.65 -6.41
C VAL A 52 -7.83 29.00 -5.70
N THR A 53 -8.50 29.97 -6.29
CA THR A 53 -8.55 31.32 -5.75
C THR A 53 -9.82 31.67 -4.93
N SER A 54 -10.77 30.74 -4.85
CA SER A 54 -12.11 31.10 -4.37
C SER A 54 -12.73 30.11 -3.40
N TYR A 55 -13.50 30.64 -2.44
CA TYR A 55 -14.20 29.83 -1.45
C TYR A 55 -15.31 29.01 -2.12
N GLN A 56 -15.98 29.61 -3.09
CA GLN A 56 -17.04 28.92 -3.83
C GLN A 56 -16.43 27.98 -4.87
N GLU A 57 -15.25 28.32 -5.36
CA GLU A 57 -14.49 27.46 -6.25
C GLU A 57 -14.02 26.24 -5.46
N ALA A 58 -13.54 26.48 -4.25
CA ALA A 58 -13.09 25.42 -3.35
C ALA A 58 -14.22 24.43 -3.05
N CYS A 59 -15.36 24.95 -2.63
CA CYS A 59 -16.50 24.11 -2.28
C CYS A 59 -17.06 23.37 -3.48
N SER A 60 -16.58 23.70 -4.68
CA SER A 60 -17.05 23.05 -5.89
C SER A 60 -16.43 21.67 -6.06
N ILE A 61 -15.24 21.51 -5.50
CA ILE A 61 -14.47 20.28 -5.63
C ILE A 61 -15.01 19.17 -4.73
N PRO A 62 -15.25 17.98 -5.31
CA PRO A 62 -15.67 16.87 -4.45
C PRO A 62 -14.51 16.46 -3.53
N GLY A 63 -14.79 16.30 -2.24
CA GLY A 63 -13.74 16.03 -1.28
C GLY A 63 -13.36 17.27 -0.48
N ILE A 64 -13.81 18.44 -0.95
CA ILE A 64 -13.54 19.67 -0.22
C ILE A 64 -14.82 20.25 0.37
N GLY A 65 -14.97 20.20 1.68
CA GLY A 65 -16.16 20.71 2.31
C GLY A 65 -15.93 22.08 2.93
N LYS A 66 -16.83 22.50 3.81
CA LYS A 66 -16.68 23.80 4.45
C LYS A 66 -15.38 23.90 5.26
N ARG A 67 -15.09 22.90 6.08
CA ARG A 67 -13.87 22.93 6.91
C ARG A 67 -12.61 23.04 6.04
N MET A 68 -12.53 22.21 5.01
CA MET A 68 -11.40 22.30 4.09
C MET A 68 -11.35 23.67 3.42
N ALA A 69 -12.52 24.14 2.95
CA ALA A 69 -12.59 25.43 2.28
C ALA A 69 -12.06 26.55 3.18
N GLU A 70 -12.52 26.57 4.44
CA GLU A 70 -12.05 27.55 5.42
C GLU A 70 -10.52 27.55 5.54
N LYS A 71 -9.91 26.38 5.41
CA LYS A 71 -8.44 26.27 5.51
C LYS A 71 -7.75 26.74 4.25
N ILE A 72 -8.42 26.57 3.11
CA ILE A 72 -7.91 27.09 1.84
C ILE A 72 -7.84 28.62 1.93
N ILE A 73 -8.95 29.23 2.32
CA ILE A 73 -9.05 30.69 2.45
C ILE A 73 -8.02 31.24 3.44
N GLU A 74 -7.81 30.54 4.56
CA GLU A 74 -6.84 30.99 5.56
C GLU A 74 -5.41 30.99 5.01
N ILE A 75 -5.05 29.96 4.25
CA ILE A 75 -3.71 29.86 3.68
C ILE A 75 -3.52 30.92 2.60
N LEU A 76 -4.55 31.16 1.81
CA LEU A 76 -4.46 32.21 0.79
C LEU A 76 -4.29 33.58 1.44
N GLU A 77 -5.13 33.86 2.44
CA GLU A 77 -5.07 35.14 3.16
C GLU A 77 -3.74 35.37 3.89
N SER A 78 -3.39 34.45 4.80
CA SER A 78 -2.19 34.60 5.64
C SER A 78 -0.93 33.85 5.20
N GLY A 79 -1.01 33.04 4.15
CA GLY A 79 0.09 32.17 3.78
C GLY A 79 0.49 31.19 4.88
N HIS A 80 -0.38 31.02 5.87
CA HIS A 80 -0.09 30.13 7.00
C HIS A 80 -1.33 29.35 7.45
N LEU A 81 -1.10 28.34 8.27
CA LEU A 81 -2.21 27.59 8.85
C LEU A 81 -2.06 27.53 10.37
N ARG A 82 -3.01 28.15 11.07
CA ARG A 82 -2.96 28.24 12.52
C ARG A 82 -2.86 26.87 13.19
N LYS A 83 -3.51 25.88 12.58
CA LYS A 83 -3.50 24.53 13.12
C LYS A 83 -2.08 23.95 13.18
N LEU A 84 -1.31 24.13 12.11
CA LEU A 84 0.03 23.56 12.02
C LEU A 84 0.92 23.95 13.20
N ASP A 85 0.74 25.16 13.70
CA ASP A 85 1.54 25.65 14.82
C ASP A 85 1.21 24.93 16.13
N HIS A 86 -0.04 24.50 16.26
CA HIS A 86 -0.51 23.88 17.50
C HIS A 86 -0.42 22.35 17.47
N ILE A 87 0.16 21.80 16.42
CA ILE A 87 0.38 20.35 16.33
C ILE A 87 1.20 19.83 17.51
N SER A 88 0.77 18.73 18.11
CA SER A 88 1.47 18.16 19.26
C SER A 88 2.96 17.92 19.01
N GLU A 89 3.78 18.20 20.01
CA GLU A 89 5.21 18.01 19.89
C GLU A 89 5.57 16.52 19.87
N SER A 90 4.62 15.66 20.22
CA SER A 90 4.88 14.22 20.16
C SER A 90 4.93 13.73 18.70
N VAL A 91 4.36 14.51 17.79
CA VAL A 91 4.13 14.00 16.44
C VAL A 91 5.40 13.57 15.64
N PRO A 92 6.44 14.41 15.65
CA PRO A 92 7.65 14.00 14.92
C PRO A 92 8.21 12.68 15.44
N VAL A 93 8.12 12.48 16.75
CA VAL A 93 8.60 11.23 17.34
C VAL A 93 7.68 10.05 17.00
N LEU A 94 6.37 10.29 17.02
CA LEU A 94 5.43 9.25 16.66
C LEU A 94 5.68 8.80 15.22
N GLU A 95 6.02 9.75 14.36
CA GLU A 95 6.29 9.44 12.96
C GLU A 95 7.58 8.65 12.78
N LEU A 96 8.60 9.06 13.51
CA LEU A 96 9.84 8.29 13.53
C LEU A 96 9.58 6.84 13.90
N PHE A 97 8.83 6.62 14.98
CA PHE A 97 8.59 5.26 15.50
C PHE A 97 7.71 4.42 14.57
N SER A 98 6.68 5.04 14.00
CA SER A 98 5.77 4.29 13.16
C SER A 98 6.37 3.99 11.77
N ASN A 99 7.54 4.56 11.48
CA ASN A 99 8.23 4.17 10.27
C ASN A 99 9.04 2.88 10.43
N ILE A 100 9.05 2.33 11.64
CA ILE A 100 9.62 1.01 11.83
C ILE A 100 8.60 0.00 11.30
N TRP A 101 9.01 -0.87 10.38
CA TRP A 101 8.11 -1.90 9.88
C TRP A 101 7.64 -2.82 11.01
N GLY A 102 6.32 -2.98 11.13
CA GLY A 102 5.77 -3.79 12.20
C GLY A 102 5.24 -2.99 13.39
N ALA A 103 5.53 -1.70 13.43
CA ALA A 103 5.03 -0.82 14.48
C ALA A 103 4.09 0.18 13.83
N GLY A 104 2.87 0.29 14.36
CA GLY A 104 1.92 1.32 13.94
C GLY A 104 1.63 2.37 14.99
N THR A 105 0.48 3.01 14.86
CA THR A 105 0.07 4.06 15.78
C THR A 105 0.02 3.63 17.23
N LYS A 106 -0.50 2.43 17.52
CA LYS A 106 -0.67 2.00 18.91
C LYS A 106 0.68 1.78 19.56
N THR A 107 1.57 1.11 18.83
CA THR A 107 2.92 0.86 19.31
C THR A 107 3.71 2.17 19.47
N ALA A 108 3.63 3.07 18.49
CA ALA A 108 4.38 4.32 18.58
C ALA A 108 3.90 5.14 19.78
N GLN A 109 2.59 5.18 19.99
CA GLN A 109 2.02 5.90 21.13
C GLN A 109 2.42 5.28 22.49
N MET A 110 2.49 3.95 22.55
CA MET A 110 2.88 3.29 23.81
C MET A 110 4.32 3.62 24.17
N TRP A 111 5.20 3.51 23.18
CA TRP A 111 6.62 3.84 23.33
C TRP A 111 6.81 5.28 23.78
N TYR A 112 6.05 6.17 23.19
CA TYR A 112 6.13 7.59 23.53
C TYR A 112 5.66 7.81 24.97
N GLN A 113 4.53 7.20 25.32
CA GLN A 113 4.02 7.29 26.70
C GLN A 113 5.06 6.79 27.68
N GLN A 114 5.82 5.77 27.29
CA GLN A 114 6.79 5.16 28.18
C GLN A 114 8.10 5.94 28.26
N GLY A 115 8.19 7.04 27.52
CA GLY A 115 9.37 7.88 27.59
C GLY A 115 10.43 7.70 26.51
N PHE A 116 10.17 6.83 25.54
CA PHE A 116 11.09 6.67 24.42
C PHE A 116 11.02 7.88 23.48
N ARG A 117 12.17 8.36 23.02
CA ARG A 117 12.21 9.58 22.21
C ARG A 117 13.08 9.48 20.96
N SER A 118 13.80 8.37 20.81
CA SER A 118 14.70 8.18 19.67
C SER A 118 14.83 6.71 19.32
N LEU A 119 15.39 6.40 18.15
CA LEU A 119 15.61 5.01 17.77
C LEU A 119 16.67 4.38 18.67
N GLU A 120 17.60 5.21 19.16
CA GLU A 120 18.58 4.73 20.15
C GLU A 120 17.87 4.17 21.41
N ASP A 121 16.93 4.95 21.95
CA ASP A 121 16.05 4.46 23.03
C ASP A 121 15.36 3.14 22.70
N ILE A 122 14.75 3.06 21.52
CA ILE A 122 14.06 1.84 21.11
C ILE A 122 15.02 0.66 21.10
N ARG A 123 16.17 0.86 20.46
CA ARG A 123 17.17 -0.18 20.31
C ARG A 123 17.63 -0.74 21.66
N SER A 124 17.97 0.14 22.59
CA SER A 124 18.43 -0.32 23.90
C SER A 124 17.36 -0.77 24.89
N GLN A 125 16.31 0.04 25.09
CA GLN A 125 15.30 -0.29 26.10
C GLN A 125 13.94 -0.91 25.67
N ALA A 126 13.67 -1.06 24.37
CA ALA A 126 12.33 -1.48 23.97
C ALA A 126 12.27 -2.98 23.69
N SER A 127 11.14 -3.60 24.00
CA SER A 127 10.97 -5.00 23.66
C SER A 127 10.30 -5.11 22.29
N LEU A 128 11.06 -5.61 21.32
CA LEU A 128 10.62 -5.59 19.94
C LEU A 128 10.10 -6.95 19.55
N THR A 129 9.09 -6.99 18.69
CA THR A 129 8.70 -8.26 18.11
C THR A 129 9.80 -8.62 17.12
N THR A 130 9.70 -9.80 16.52
CA THR A 130 10.70 -10.20 15.53
C THR A 130 10.62 -9.32 14.28
N GLN A 131 9.42 -8.93 13.89
CA GLN A 131 9.23 -8.08 12.73
C GLN A 131 9.88 -6.72 12.99
N GLN A 132 9.55 -6.10 14.11
CA GLN A 132 10.07 -4.77 14.43
C GLN A 132 11.60 -4.77 14.55
N ALA A 133 12.18 -5.87 15.02
CA ALA A 133 13.63 -5.95 15.15
C ALA A 133 14.27 -5.91 13.78
N ILE A 134 13.64 -6.59 12.84
CA ILE A 134 14.09 -6.58 11.46
C ILE A 134 13.82 -5.20 10.86
N GLY A 135 12.65 -4.66 11.14
CA GLY A 135 12.32 -3.29 10.69
C GLY A 135 13.38 -2.29 11.14
N LEU A 136 13.83 -2.43 12.38
CA LEU A 136 14.77 -1.45 12.93
C LEU A 136 16.18 -1.60 12.32
N LYS A 137 16.61 -2.85 12.16
CA LYS A 137 17.90 -3.14 11.55
C LYS A 137 18.01 -2.57 10.13
N HIS A 138 16.88 -2.46 9.44
CA HIS A 138 16.86 -1.96 8.08
C HIS A 138 16.05 -0.66 7.97
N TYR A 139 16.09 0.15 9.02
CA TYR A 139 15.27 1.35 9.08
C TYR A 139 15.43 2.25 7.85
N SER A 140 16.68 2.61 7.52
CA SER A 140 16.88 3.47 6.37
C SER A 140 16.57 2.78 5.04
N ASP A 141 16.99 1.53 4.87
CA ASP A 141 16.77 0.86 3.60
C ASP A 141 15.28 0.74 3.28
N PHE A 142 14.47 0.47 4.30
CA PHE A 142 13.02 0.31 4.10
C PHE A 142 12.33 1.61 3.70
N LEU A 143 13.01 2.73 3.91
CA LEU A 143 12.44 4.02 3.52
C LEU A 143 12.84 4.47 2.10
N GLU A 144 13.72 3.72 1.45
CA GLU A 144 14.26 4.09 0.12
C GLU A 144 13.49 3.40 -0.97
N ARG A 145 13.31 4.08 -2.09
CA ARG A 145 12.76 3.45 -3.28
C ARG A 145 13.89 3.02 -4.19
N MET A 146 13.74 1.89 -4.86
CA MET A 146 14.71 1.43 -5.85
C MET A 146 14.38 1.88 -7.29
N PRO A 147 15.40 1.93 -8.16
CA PRO A 147 15.13 2.20 -9.57
C PRO A 147 14.41 1.03 -10.20
N ARG A 148 13.57 1.32 -11.18
CA ARG A 148 12.81 0.29 -11.87
C ARG A 148 13.69 -0.87 -12.32
N GLU A 149 14.89 -0.57 -12.84
CA GLU A 149 15.77 -1.63 -13.33
C GLU A 149 16.17 -2.63 -12.25
N GLU A 150 16.33 -2.16 -11.02
CA GLU A 150 16.69 -3.08 -9.94
C GLU A 150 15.50 -3.99 -9.59
N ALA A 151 14.28 -3.45 -9.67
CA ALA A 151 13.09 -4.27 -9.49
C ALA A 151 13.05 -5.38 -10.53
N THR A 152 13.47 -5.06 -11.74
CA THR A 152 13.54 -6.04 -12.81
C THR A 152 14.46 -7.19 -12.44
N GLU A 153 15.65 -6.85 -11.94
CA GLU A 153 16.61 -7.88 -11.56
C GLU A 153 16.11 -8.77 -10.43
N ILE A 154 15.42 -8.17 -9.46
CA ILE A 154 14.83 -8.94 -8.37
C ILE A 154 13.72 -9.87 -8.88
N GLU A 155 12.80 -9.36 -9.68
CA GLU A 155 11.75 -10.18 -10.28
C GLU A 155 12.33 -11.36 -11.06
N GLN A 156 13.37 -11.09 -11.85
CA GLN A 156 14.00 -12.12 -12.67
C GLN A 156 14.65 -13.19 -11.81
N THR A 157 15.16 -12.78 -10.66
CA THR A 157 15.76 -13.72 -9.73
C THR A 157 14.68 -14.67 -9.22
N VAL A 158 13.53 -14.13 -8.87
CA VAL A 158 12.44 -14.98 -8.41
C VAL A 158 11.92 -15.88 -9.54
N GLN A 159 11.76 -15.32 -10.73
CA GLN A 159 11.32 -16.09 -11.90
C GLN A 159 12.21 -17.30 -12.18
N LYS A 160 13.53 -17.10 -12.17
CA LYS A 160 14.46 -18.20 -12.42
C LYS A 160 14.31 -19.31 -11.39
N ALA A 161 14.23 -18.91 -10.12
CA ALA A 161 14.01 -19.88 -9.06
C ALA A 161 12.72 -20.67 -9.29
N ALA A 162 11.64 -19.97 -9.65
CA ALA A 162 10.37 -20.65 -9.89
C ALA A 162 10.44 -21.60 -11.07
N GLN A 163 11.07 -21.14 -12.15
CA GLN A 163 11.15 -21.91 -13.39
C GLN A 163 11.85 -23.25 -13.18
N ALA A 164 12.84 -23.26 -12.29
CA ALA A 164 13.68 -24.44 -12.05
C ALA A 164 12.95 -25.64 -11.44
N PHE A 165 11.71 -25.45 -11.00
CA PHE A 165 10.94 -26.54 -10.42
C PHE A 165 10.16 -27.36 -11.46
N ASN A 166 10.04 -26.85 -12.68
CA ASN A 166 9.36 -27.57 -13.75
C ASN A 166 7.93 -27.95 -13.35
N SER A 167 7.35 -27.17 -12.44
CA SER A 167 5.94 -27.26 -12.14
C SER A 167 5.27 -26.32 -13.12
N GLY A 168 4.00 -26.01 -12.93
CA GLY A 168 3.30 -25.14 -13.86
C GLY A 168 3.43 -23.67 -13.49
N LEU A 169 4.46 -23.32 -12.72
CA LEU A 169 4.56 -21.99 -12.11
C LEU A 169 4.68 -20.84 -13.09
N LEU A 170 3.76 -19.89 -12.97
CA LEU A 170 3.87 -18.61 -13.68
C LEU A 170 4.24 -17.53 -12.66
N CYS A 171 5.10 -16.61 -13.08
CA CYS A 171 5.57 -15.56 -12.19
CA CYS A 171 5.59 -15.58 -12.19
C CYS A 171 5.43 -14.20 -12.84
N VAL A 172 4.74 -13.28 -12.16
CA VAL A 172 4.50 -11.95 -12.72
C VAL A 172 4.79 -10.87 -11.68
N ALA A 173 5.54 -9.84 -12.06
CA ALA A 173 5.79 -8.71 -11.18
C ALA A 173 4.60 -7.74 -11.20
N CYS A 174 4.03 -7.47 -10.03
CA CYS A 174 2.87 -6.60 -9.94
C CYS A 174 3.21 -5.27 -9.25
N GLY A 175 2.26 -4.76 -8.47
CA GLY A 175 2.47 -3.51 -7.75
C GLY A 175 2.82 -2.34 -8.65
N SER A 176 3.62 -1.41 -8.13
CA SER A 176 4.01 -0.22 -8.87
C SER A 176 4.85 -0.59 -10.10
N TYR A 177 5.57 -1.70 -10.03
CA TYR A 177 6.33 -2.14 -11.18
C TYR A 177 5.42 -2.34 -12.40
N ARG A 178 4.35 -3.10 -12.21
CA ARG A 178 3.46 -3.42 -13.31
C ARG A 178 2.68 -2.17 -13.76
N ARG A 179 2.56 -1.20 -12.86
CA ARG A 179 1.89 0.07 -13.20
C ARG A 179 2.85 1.00 -13.94
N GLY A 180 4.09 0.54 -14.14
CA GLY A 180 5.06 1.26 -14.96
C GLY A 180 5.82 2.39 -14.27
N LYS A 181 5.81 2.41 -12.93
CA LYS A 181 6.48 3.48 -12.21
C LYS A 181 8.00 3.42 -12.43
N ALA A 182 8.66 4.57 -12.31
CA ALA A 182 10.11 4.65 -12.54
C ALA A 182 10.90 4.16 -11.34
N THR A 183 10.33 4.28 -10.15
CA THR A 183 10.93 3.76 -8.93
C THR A 183 9.90 2.89 -8.19
N CYS A 184 10.40 1.97 -7.36
CA CYS A 184 9.53 1.05 -6.66
C CYS A 184 9.90 0.98 -5.19
N GLY A 185 8.91 1.01 -4.31
CA GLY A 185 9.17 0.87 -2.88
C GLY A 185 9.56 -0.54 -2.50
N ASP A 186 9.05 -1.53 -3.23
CA ASP A 186 9.40 -2.93 -3.03
C ASP A 186 9.15 -3.64 -4.33
N VAL A 187 9.34 -4.96 -4.34
CA VAL A 187 8.88 -5.76 -5.48
C VAL A 187 7.76 -6.71 -5.03
N ASP A 188 6.64 -6.66 -5.73
CA ASP A 188 5.49 -7.50 -5.40
C ASP A 188 5.37 -8.55 -6.50
N VAL A 189 5.63 -9.80 -6.17
CA VAL A 189 5.66 -10.86 -7.17
C VAL A 189 4.52 -11.84 -6.99
N LEU A 190 3.72 -12.03 -8.04
CA LEU A 190 2.64 -13.00 -8.02
C LEU A 190 3.07 -14.32 -8.63
N ILE A 191 2.78 -15.42 -7.95
CA ILE A 191 3.12 -16.74 -8.47
C ILE A 191 1.88 -17.60 -8.50
N THR A 192 1.65 -18.26 -9.63
CA THR A 192 0.49 -19.12 -9.77
C THR A 192 0.92 -20.51 -10.13
N HIS A 193 0.18 -21.49 -9.61
CA HIS A 193 0.43 -22.89 -9.88
C HIS A 193 -0.86 -23.53 -10.39
N PRO A 194 -0.74 -24.60 -11.18
CA PRO A 194 -1.87 -25.37 -11.71
C PRO A 194 -2.85 -25.75 -10.60
N ASP A 195 -4.14 -25.62 -10.87
CA ASP A 195 -5.17 -25.79 -9.84
C ASP A 195 -5.05 -27.09 -9.07
N GLY A 196 -4.48 -28.11 -9.72
CA GLY A 196 -4.28 -29.40 -9.08
C GLY A 196 -4.01 -29.33 -7.59
N GLY A 201 3.45 -27.02 -0.72
CA GLY A 201 4.85 -27.17 -0.36
C GLY A 201 5.74 -26.50 -1.38
N ILE A 202 5.16 -26.20 -2.53
CA ILE A 202 5.86 -25.47 -3.58
C ILE A 202 6.42 -24.15 -3.02
N PHE A 203 5.57 -23.40 -2.32
CA PHE A 203 5.97 -22.13 -1.72
C PHE A 203 7.23 -22.29 -0.88
N SER A 204 7.22 -23.25 0.03
CA SER A 204 8.35 -23.44 0.94
C SER A 204 9.65 -23.84 0.23
N ARG A 205 9.53 -24.64 -0.82
CA ARG A 205 10.71 -25.05 -1.59
C ARG A 205 11.34 -23.84 -2.26
N LEU A 206 10.49 -22.99 -2.82
CA LEU A 206 10.95 -21.80 -3.53
C LEU A 206 11.72 -20.89 -2.59
N LEU A 207 11.13 -20.56 -1.44
CA LEU A 207 11.82 -19.74 -0.45
C LEU A 207 13.16 -20.36 -0.07
N ASP A 208 13.20 -21.68 0.09
CA ASP A 208 14.44 -22.37 0.43
C ASP A 208 15.49 -22.19 -0.66
N SER A 209 15.05 -22.20 -1.92
CA SER A 209 15.94 -21.94 -3.05
C SER A 209 16.56 -20.54 -2.96
N LEU A 210 15.70 -19.55 -2.71
CA LEU A 210 16.12 -18.16 -2.69
C LEU A 210 17.01 -17.89 -1.48
N ARG A 211 16.78 -18.62 -0.41
CA ARG A 211 17.57 -18.46 0.80
C ARG A 211 18.94 -19.15 0.64
N GLN A 212 18.95 -20.26 -0.09
CA GLN A 212 20.20 -21.00 -0.34
C GLN A 212 21.17 -20.20 -1.20
N GLU A 213 20.62 -19.37 -2.08
CA GLU A 213 21.42 -18.52 -2.96
C GLU A 213 22.05 -17.34 -2.23
N GLY A 214 21.61 -17.10 -0.99
CA GLY A 214 22.02 -15.91 -0.26
C GLY A 214 21.19 -14.69 -0.65
N PHE A 215 20.15 -14.90 -1.46
CA PHE A 215 19.33 -13.79 -1.96
C PHE A 215 18.32 -13.25 -0.94
N LEU A 216 17.62 -14.13 -0.24
CA LEU A 216 16.70 -13.72 0.83
C LEU A 216 17.46 -13.57 2.14
N THR A 217 17.52 -12.35 2.69
CA THR A 217 18.19 -12.13 3.97
C THR A 217 17.39 -12.04 5.30
N ASP A 218 16.08 -11.84 5.23
CA ASP A 218 15.24 -11.81 6.44
C ASP A 218 13.83 -12.13 6.03
N ASP A 219 13.07 -12.78 6.90
CA ASP A 219 11.66 -13.06 6.65
C ASP A 219 10.80 -12.29 7.65
N LEU A 220 9.93 -11.44 7.14
CA LEU A 220 8.94 -10.77 7.99
C LEU A 220 7.66 -11.61 8.25
N VAL A 221 7.14 -12.24 7.20
CA VAL A 221 5.89 -12.98 7.25
C VAL A 221 6.06 -14.21 6.40
N LYS A 222 5.72 -15.38 6.92
CA LYS A 222 5.60 -16.54 6.04
C LYS A 222 4.29 -17.26 6.29
N GLY A 223 3.37 -17.14 5.36
CA GLY A 223 2.06 -17.72 5.52
C GLY A 223 1.89 -18.72 4.41
N GLU A 224 0.71 -19.33 4.32
CA GLU A 224 0.45 -20.27 3.22
C GLU A 224 0.24 -19.50 1.93
N THR A 225 -0.28 -18.28 2.03
CA THR A 225 -0.58 -17.49 0.81
C THR A 225 0.43 -16.39 0.55
N LYS A 226 0.91 -15.71 1.59
CA LYS A 226 1.81 -14.60 1.36
C LYS A 226 3.11 -14.71 2.13
N TYR A 227 4.17 -14.27 1.45
CA TYR A 227 5.50 -14.11 2.03
C TYR A 227 5.89 -12.64 1.93
N LEU A 228 6.38 -12.08 3.03
CA LEU A 228 6.98 -10.73 3.02
C LEU A 228 8.37 -10.81 3.65
N GLY A 229 9.36 -10.23 2.99
CA GLY A 229 10.72 -10.41 3.40
C GLY A 229 11.65 -9.38 2.81
N VAL A 230 12.93 -9.70 2.87
CA VAL A 230 13.98 -8.77 2.52
C VAL A 230 14.97 -9.52 1.68
N CYS A 231 15.40 -8.90 0.60
CA CYS A 231 16.42 -9.53 -0.24
C CYS A 231 17.56 -8.57 -0.56
N ARG A 232 18.65 -9.10 -1.10
CA ARG A 232 19.73 -8.24 -1.60
C ARG A 232 20.45 -8.92 -2.74
N LEU A 233 20.65 -8.18 -3.83
CA LEU A 233 21.33 -8.71 -5.00
C LEU A 233 22.83 -8.72 -4.71
N PRO A 234 23.61 -9.50 -5.48
CA PRO A 234 25.06 -9.56 -5.25
C PRO A 234 25.79 -8.30 -5.72
N GLY A 235 27.05 -8.17 -5.30
CA GLY A 235 27.89 -7.08 -5.74
C GLY A 235 27.95 -5.90 -4.78
N PRO A 236 28.82 -4.93 -5.08
CA PRO A 236 29.00 -3.73 -4.25
C PRO A 236 27.92 -2.71 -4.52
N GLY A 237 27.68 -1.81 -3.57
CA GLY A 237 26.70 -0.75 -3.75
C GLY A 237 25.26 -1.24 -3.70
N ARG A 238 25.06 -2.45 -3.20
CA ARG A 238 23.69 -3.00 -3.10
C ARG A 238 23.04 -2.73 -1.75
N ARG A 239 21.73 -2.44 -1.77
CA ARG A 239 20.94 -2.18 -0.57
C ARG A 239 19.99 -3.35 -0.34
N HIS A 240 19.60 -3.58 0.91
CA HIS A 240 18.53 -4.53 1.20
C HIS A 240 17.21 -3.96 0.68
N ARG A 241 16.44 -4.81 0.01
CA ARG A 241 15.16 -4.39 -0.59
C ARG A 241 14.03 -5.26 -0.09
N ARG A 242 12.85 -4.67 0.08
CA ARG A 242 11.67 -5.40 0.50
C ARG A 242 11.10 -6.22 -0.69
N LEU A 243 10.69 -7.44 -0.41
CA LEU A 243 10.13 -8.35 -1.41
C LEU A 243 8.87 -9.00 -0.85
N ASP A 244 7.77 -8.89 -1.59
CA ASP A 244 6.49 -9.52 -1.27
C ASP A 244 6.19 -10.55 -2.36
N ILE A 245 5.75 -11.73 -1.95
CA ILE A 245 5.46 -12.79 -2.90
C ILE A 245 4.15 -13.38 -2.48
N ILE A 246 3.24 -13.52 -3.43
CA ILE A 246 1.97 -14.20 -3.18
C ILE A 246 1.80 -15.37 -4.14
N VAL A 247 1.28 -16.47 -3.61
CA VAL A 247 1.02 -17.66 -4.41
C VAL A 247 -0.48 -17.95 -4.38
N VAL A 248 -1.09 -18.04 -5.56
CA VAL A 248 -2.52 -18.29 -5.70
C VAL A 248 -2.77 -19.39 -6.74
N PRO A 249 -3.89 -20.11 -6.59
CA PRO A 249 -4.25 -21.12 -7.60
C PRO A 249 -4.60 -20.42 -8.89
N TYR A 250 -4.32 -21.07 -10.02
CA TYR A 250 -4.57 -20.46 -11.32
C TYR A 250 -6.01 -19.96 -11.49
N SER A 251 -6.97 -20.62 -10.83
CA SER A 251 -8.38 -20.21 -10.93
C SER A 251 -8.65 -18.78 -10.43
N GLU A 252 -7.81 -18.30 -9.51
CA GLU A 252 -7.92 -16.96 -8.95
C GLU A 252 -7.01 -15.92 -9.60
N PHE A 253 -6.34 -16.32 -10.67
CA PHE A 253 -5.33 -15.49 -11.31
C PHE A 253 -5.74 -14.04 -11.55
N ALA A 254 -6.88 -13.83 -12.20
CA ALA A 254 -7.26 -12.49 -12.61
C ALA A 254 -7.59 -11.56 -11.43
N CYS A 255 -8.27 -12.10 -10.42
CA CYS A 255 -8.55 -11.29 -9.25
C CYS A 255 -7.29 -11.02 -8.44
N ALA A 256 -6.35 -11.95 -8.47
CA ALA A 256 -5.11 -11.76 -7.73
C ALA A 256 -4.24 -10.72 -8.43
N LEU A 257 -4.22 -10.77 -9.76
CA LEU A 257 -3.43 -9.84 -10.54
C LEU A 257 -3.98 -8.41 -10.40
N LEU A 258 -5.31 -8.32 -10.41
CA LEU A 258 -6.00 -7.05 -10.22
C LEU A 258 -5.71 -6.45 -8.84
N TYR A 259 -5.85 -7.28 -7.80
CA TYR A 259 -5.53 -6.86 -6.45
C TYR A 259 -4.06 -6.41 -6.34
N PHE A 260 -3.14 -7.30 -6.71
CA PHE A 260 -1.73 -7.06 -6.45
C PHE A 260 -1.20 -5.93 -7.34
N THR A 261 -1.88 -5.66 -8.45
CA THR A 261 -1.45 -4.56 -9.32
C THR A 261 -1.83 -3.19 -8.75
N GLY A 262 -2.97 -3.11 -8.08
CA GLY A 262 -3.38 -1.87 -7.43
C GLY A 262 -3.66 -0.75 -8.42
N SER A 263 -3.50 0.51 -7.99
CA SER A 263 -2.92 0.87 -6.69
C SER A 263 -3.87 0.56 -5.53
N ALA A 264 -3.43 0.80 -4.29
CA ALA A 264 -4.33 0.62 -3.14
C ALA A 264 -5.58 1.49 -3.26
N HIS A 265 -5.40 2.75 -3.64
CA HIS A 265 -6.54 3.67 -3.78
C HIS A 265 -7.51 3.17 -4.86
N PHE A 266 -6.95 2.67 -5.95
CA PHE A 266 -7.74 2.14 -7.04
C PHE A 266 -8.54 0.93 -6.58
N ASN A 267 -7.87 0.03 -5.86
CA ASN A 267 -8.55 -1.16 -5.35
C ASN A 267 -9.70 -0.77 -4.44
N ARG A 268 -9.48 0.21 -3.57
CA ARG A 268 -10.53 0.65 -2.66
C ARG A 268 -11.75 1.26 -3.39
N SER A 269 -11.50 2.07 -4.44
CA SER A 269 -12.60 2.66 -5.21
C SER A 269 -13.41 1.59 -5.92
N MET A 270 -12.72 0.65 -6.55
CA MET A 270 -13.38 -0.44 -7.29
C MET A 270 -14.17 -1.35 -6.35
N ARG A 271 -13.58 -1.66 -5.21
CA ARG A 271 -14.28 -2.46 -4.20
C ARG A 271 -15.51 -1.71 -3.67
N ALA A 272 -15.39 -0.40 -3.47
CA ALA A 272 -16.53 0.43 -3.04
C ALA A 272 -17.68 0.41 -4.07
N LEU A 273 -17.34 0.51 -5.36
CA LEU A 273 -18.34 0.44 -6.41
C LEU A 273 -19.04 -0.91 -6.38
N ALA A 274 -18.25 -1.98 -6.32
CA ALA A 274 -18.82 -3.33 -6.26
C ALA A 274 -19.84 -3.42 -5.14
N LYS A 275 -19.52 -2.81 -4.01
CA LYS A 275 -20.43 -2.87 -2.87
C LYS A 275 -21.77 -2.19 -3.14
N THR A 276 -21.75 -1.05 -3.84
CA THR A 276 -23.00 -0.35 -4.13
C THR A 276 -23.87 -1.17 -5.08
N LYS A 277 -23.23 -2.09 -5.80
CA LYS A 277 -23.91 -2.96 -6.75
C LYS A 277 -24.34 -4.30 -6.14
N GLY A 278 -24.17 -4.46 -4.84
CA GLY A 278 -24.51 -5.70 -4.16
C GLY A 278 -23.51 -6.80 -4.46
N MET A 279 -22.29 -6.40 -4.86
CA MET A 279 -21.23 -7.35 -5.17
C MET A 279 -20.07 -7.23 -4.18
N SER A 280 -19.06 -8.08 -4.33
CA SER A 280 -17.88 -7.98 -3.47
C SER A 280 -16.64 -8.40 -4.23
N LEU A 281 -15.58 -7.60 -4.10
CA LEU A 281 -14.34 -7.90 -4.80
C LEU A 281 -13.20 -8.06 -3.79
N SER A 282 -12.45 -9.15 -3.89
CA SER A 282 -11.24 -9.32 -3.11
C SER A 282 -10.18 -9.94 -4.00
N GLU A 283 -9.00 -10.21 -3.42
CA GLU A 283 -7.92 -10.87 -4.14
C GLU A 283 -8.31 -12.28 -4.59
N HIS A 284 -9.29 -12.90 -3.92
CA HIS A 284 -9.79 -14.21 -4.32
C HIS A 284 -10.80 -14.22 -5.49
N ALA A 285 -11.81 -13.37 -5.41
CA ALA A 285 -12.92 -13.48 -6.35
C ALA A 285 -13.72 -12.19 -6.47
N LEU A 286 -14.50 -12.10 -7.54
CA LEU A 286 -15.58 -11.15 -7.61
C LEU A 286 -16.85 -11.97 -7.39
N SER A 287 -17.66 -11.55 -6.42
CA SER A 287 -18.87 -12.27 -6.09
C SER A 287 -20.08 -11.38 -6.25
N THR A 288 -21.23 -12.01 -6.50
CA THR A 288 -22.46 -11.25 -6.72
C THR A 288 -23.53 -11.77 -5.79
N ALA A 289 -24.61 -11.00 -5.66
CA ALA A 289 -25.70 -11.35 -4.75
C ALA A 289 -25.17 -11.53 -3.33
N VAL A 290 -24.21 -10.67 -2.96
CA VAL A 290 -23.65 -10.71 -1.62
C VAL A 290 -24.66 -10.10 -0.66
N VAL A 291 -24.76 -10.67 0.53
CA VAL A 291 -25.74 -10.17 1.49
C VAL A 291 -25.05 -9.42 2.62
N ARG A 292 -25.42 -8.15 2.80
CA ARG A 292 -24.83 -7.31 3.84
C ARG A 292 -25.88 -6.74 4.78
N ASN A 293 -25.48 -6.46 6.02
CA ASN A 293 -26.33 -5.82 7.00
C ASN A 293 -26.33 -4.29 6.89
N THR A 294 -26.92 -3.64 7.89
CA THR A 294 -27.08 -2.18 7.90
C THR A 294 -25.75 -1.42 8.02
N HIS A 295 -24.70 -2.12 8.46
CA HIS A 295 -23.40 -1.49 8.59
C HIS A 295 -22.56 -1.69 7.33
N GLY A 296 -23.10 -2.42 6.37
CA GLY A 296 -22.39 -2.72 5.16
C GLY A 296 -21.48 -3.91 5.35
N ALA A 297 -21.61 -4.56 6.50
CA ALA A 297 -20.81 -5.75 6.81
C ALA A 297 -21.42 -6.99 6.16
N LYS A 298 -20.57 -7.87 5.63
CA LYS A 298 -21.07 -9.04 4.90
C LYS A 298 -21.76 -10.06 5.82
N VAL A 299 -23.00 -10.35 5.48
CA VAL A 299 -23.85 -11.35 6.15
C VAL A 299 -23.53 -12.73 5.55
N GLY A 300 -23.76 -12.83 4.24
CA GLY A 300 -23.51 -14.04 3.48
C GLY A 300 -22.75 -13.73 2.19
N PRO A 301 -22.08 -14.74 1.62
CA PRO A 301 -21.06 -14.57 0.58
C PRO A 301 -21.54 -14.42 -0.86
N GLY A 302 -22.84 -14.59 -1.14
CA GLY A 302 -23.30 -14.57 -2.52
C GLY A 302 -22.64 -15.68 -3.31
N ARG A 303 -22.37 -15.46 -4.60
CA ARG A 303 -21.69 -16.49 -5.37
C ARG A 303 -20.61 -15.93 -6.30
N VAL A 304 -19.60 -16.74 -6.54
CA VAL A 304 -18.45 -16.33 -7.35
C VAL A 304 -18.79 -16.27 -8.83
N LEU A 305 -18.45 -15.15 -9.45
CA LEU A 305 -18.60 -14.98 -10.89
C LEU A 305 -17.32 -15.45 -11.54
N PRO A 306 -17.44 -16.06 -12.73
CA PRO A 306 -16.23 -16.42 -13.48
C PRO A 306 -15.49 -15.16 -13.94
N THR A 307 -14.19 -15.11 -13.71
CA THR A 307 -13.38 -13.98 -14.17
C THR A 307 -12.05 -14.47 -14.75
N PRO A 308 -12.07 -14.91 -16.01
CA PRO A 308 -10.87 -15.46 -16.65
C PRO A 308 -9.75 -14.42 -16.85
N THR A 309 -10.13 -13.17 -17.09
CA THR A 309 -9.16 -12.09 -17.27
C THR A 309 -9.55 -10.85 -16.47
N GLU A 310 -8.60 -9.93 -16.32
CA GLU A 310 -8.88 -8.65 -15.68
C GLU A 310 -10.03 -7.93 -16.35
N LYS A 311 -10.09 -7.99 -17.68
CA LYS A 311 -11.15 -7.30 -18.42
C LYS A 311 -12.54 -7.73 -17.96
N ASP A 312 -12.71 -9.02 -17.71
CA ASP A 312 -13.99 -9.53 -17.22
C ASP A 312 -14.44 -8.88 -15.92
N VAL A 313 -13.51 -8.58 -15.03
CA VAL A 313 -13.90 -7.95 -13.77
C VAL A 313 -14.48 -6.57 -14.03
N PHE A 314 -13.78 -5.77 -14.85
CA PHE A 314 -14.28 -4.46 -15.21
C PHE A 314 -15.65 -4.55 -15.87
N ARG A 315 -15.77 -5.49 -16.81
CA ARG A 315 -17.02 -5.67 -17.56
C ARG A 315 -18.17 -6.02 -16.62
N LEU A 316 -17.96 -7.01 -15.76
CA LEU A 316 -19.00 -7.40 -14.81
C LEU A 316 -19.38 -6.28 -13.86
N LEU A 317 -18.47 -5.31 -13.66
CA LEU A 317 -18.75 -4.17 -12.79
C LEU A 317 -19.39 -3.02 -13.57
N GLY A 318 -19.46 -3.17 -14.90
CA GLY A 318 -20.00 -2.12 -15.74
C GLY A 318 -19.03 -0.96 -15.92
N LEU A 319 -17.74 -1.29 -15.97
CA LEU A 319 -16.71 -0.27 -16.08
C LEU A 319 -15.92 -0.43 -17.36
N PRO A 320 -15.37 0.68 -17.86
CA PRO A 320 -14.41 0.62 -18.97
C PRO A 320 -13.08 0.09 -18.44
N TYR A 321 -12.39 -0.73 -19.22
CA TYR A 321 -11.10 -1.26 -18.82
C TYR A 321 -10.08 -0.14 -18.59
N ARG A 322 -9.17 -0.36 -17.65
CA ARG A 322 -8.02 0.52 -17.47
C ARG A 322 -6.75 -0.32 -17.45
N GLU A 323 -5.79 0.05 -18.29
CA GLU A 323 -4.48 -0.57 -18.29
C GLU A 323 -3.83 -0.29 -16.94
N PRO A 324 -2.90 -1.15 -16.50
CA PRO A 324 -2.24 -0.95 -15.21
C PRO A 324 -1.69 0.48 -15.09
N ALA A 325 -1.10 1.03 -16.15
CA ALA A 325 -0.59 2.40 -16.14
C ALA A 325 -1.65 3.42 -15.72
N GLU A 326 -2.91 3.12 -16.03
CA GLU A 326 -4.00 4.04 -15.77
C GLU A 326 -4.68 3.79 -14.43
N ARG A 327 -4.13 2.84 -13.67
CA ARG A 327 -4.64 2.51 -12.33
C ARG A 327 -3.90 3.18 -11.18
N ASP A 328 -2.98 4.09 -11.49
CA ASP A 328 -2.13 4.61 -10.44
C ASP A 328 -2.92 5.80 -9.94
N TRP A 329 -3.50 5.64 -8.76
CA TRP A 329 -4.43 6.61 -8.20
C TRP A 329 -4.00 6.93 -6.77
#